data_1KMS
#
_entry.id   1KMS
#
_cell.length_a   41.467
_cell.length_b   55.275
_cell.length_c   82.799
_cell.angle_alpha   90.00
_cell.angle_beta   90.00
_cell.angle_gamma   90.00
#
_symmetry.space_group_name_H-M   'P 21 21 21'
#
loop_
_entity.id
_entity.type
_entity.pdbx_description
1 polymer 'DIHYDROFOLATE REDUCTASE'
2 non-polymer 'SULFATE ION'
3 non-polymer 6-([5-QUINOLYLAMINO]METHYL)-2,4-DIAMINO-5-METHYLPYRIDO[2,3-D]PYRIMIDINE
4 non-polymer 'NADPH DIHYDRO-NICOTINAMIDE-ADENINE-DINUCLEOTIDE PHOSPHATE'
5 water water
#
_entity_poly.entity_id   1
_entity_poly.type   'polypeptide(L)'
_entity_poly.pdbx_seq_one_letter_code
;VGSLNCIVAVSQNMGIGKNGDLPWPPLRNEFRYFQRMTTTSSVEGKQNLVIMGKKTWFSIPEKNRPLKGRINLVLSRELK
EPPQGAHFLSRSLDDALKLTEQPELANKVDMVWIVGGSSVYKEAMNHPGHLKLFVTRIMQDFESDTFFPEIDLEKYKLLP
EYPGVLSDVQEEKGIKYKFEVYEKND
;
_entity_poly.pdbx_strand_id   A
#
loop_
_chem_comp.id
_chem_comp.type
_chem_comp.name
_chem_comp.formula
LIH non-polymer 6-([5-QUINOLYLAMINO]METHYL)-2,4-DIAMINO-5-METHYLPYRIDO[2,3-D]PYRIMIDINE 'C18 H17 N7'
NDP non-polymer 'NADPH DIHYDRO-NICOTINAMIDE-ADENINE-DINUCLEOTIDE PHOSPHATE' 'C21 H30 N7 O17 P3'
SO4 non-polymer 'SULFATE ION' 'O4 S -2'
#
# COMPACT_ATOMS: atom_id res chain seq x y z
C GLY A 2 5.49 -8.15 -11.74
N SER A 3 6.15 -8.33 -10.57
N SER A 3 4.79 -9.85 -9.02
CA SER A 3 5.28 -8.62 -9.41
CA SER A 3 5.65 -8.70 -8.82
C SER A 3 4.86 -7.32 -8.75
C SER A 3 4.99 -7.60 -7.98
N LEU A 4 3.69 -7.36 -8.12
CA LEU A 4 3.16 -6.20 -7.46
C LEU A 4 2.96 -6.64 -6.01
N ASN A 5 3.10 -5.68 -5.11
CA ASN A 5 2.70 -5.86 -3.72
C ASN A 5 1.68 -4.83 -3.35
N CYS A 6 0.57 -5.24 -2.78
CA CYS A 6 -0.37 -4.31 -2.19
C CYS A 6 -0.22 -4.34 -0.70
N ILE A 7 -0.38 -3.20 -0.06
CA ILE A 7 -0.35 -3.13 1.43
C ILE A 7 -1.51 -2.27 1.89
N VAL A 8 -2.23 -2.73 2.89
CA VAL A 8 -3.43 -2.10 3.41
C VAL A 8 -3.60 -2.46 4.87
N ALA A 9 -4.35 -1.63 5.58
CA ALA A 9 -4.88 -1.93 6.90
C ALA A 9 -6.43 -1.89 6.78
N VAL A 10 -7.10 -2.90 7.28
CA VAL A 10 -8.55 -3.02 7.10
C VAL A 10 -9.24 -3.33 8.41
N SER A 11 -10.38 -2.74 8.64
CA SER A 11 -11.24 -3.10 9.77
C SER A 11 -11.96 -4.42 9.48
N GLN A 12 -12.63 -4.94 10.51
CA GLN A 12 -13.35 -6.22 10.37
C GLN A 12 -14.43 -6.12 9.31
N ASN A 13 -15.02 -4.92 9.13
CA ASN A 13 -16.01 -4.67 8.09
C ASN A 13 -15.42 -4.20 6.77
N MET A 14 -14.13 -4.45 6.57
CA MET A 14 -13.39 -4.23 5.32
C MET A 14 -13.17 -2.75 5.04
N GLY A 15 -13.32 -1.91 6.05
CA GLY A 15 -13.11 -0.47 5.87
C GLY A 15 -11.65 -0.04 5.88
N ILE A 16 -11.35 0.91 5.03
CA ILE A 16 -10.00 1.50 4.99
C ILE A 16 -10.01 2.96 5.28
N GLY A 17 -11.12 3.68 5.09
CA GLY A 17 -11.14 5.16 5.20
C GLY A 17 -12.52 5.63 5.61
N LYS A 18 -12.51 6.85 6.18
CA LYS A 18 -13.74 7.52 6.58
C LYS A 18 -13.46 9.02 6.52
N ASN A 19 -14.25 9.75 5.73
CA ASN A 19 -14.18 11.19 5.64
C ASN A 19 -12.77 11.71 5.37
N GLY A 20 -12.04 11.00 4.51
CA GLY A 20 -10.71 11.39 4.08
C GLY A 20 -9.57 11.05 5.02
N ASP A 21 -9.90 10.36 6.11
CA ASP A 21 -8.90 9.96 7.11
C ASP A 21 -9.06 8.43 7.32
N LEU A 22 -8.26 7.92 8.24
CA LEU A 22 -8.41 6.54 8.65
C LEU A 22 -9.64 6.32 9.53
N PRO A 23 -10.23 5.14 9.50
CA PRO A 23 -11.42 4.93 10.36
C PRO A 23 -11.08 4.84 11.81
N TRP A 24 -9.86 4.46 12.18
CA TRP A 24 -9.37 4.29 13.52
C TRP A 24 -8.46 5.43 13.89
N PRO A 25 -8.27 5.70 15.18
CA PRO A 25 -7.24 6.65 15.60
C PRO A 25 -5.85 6.22 15.13
N PRO A 26 -4.88 7.11 14.96
CA PRO A 26 -3.60 6.73 14.39
C PRO A 26 -2.94 5.70 15.29
N LEU A 27 -2.38 4.67 14.68
CA LEU A 27 -1.66 3.61 15.33
C LEU A 27 -0.23 3.67 14.88
N ARG A 28 0.64 4.23 15.71
N ARG A 28 0.69 4.28 15.64
CA ARG A 28 1.99 4.58 15.33
CA ARG A 28 2.00 4.60 15.06
C ARG A 28 2.78 3.38 14.83
C ARG A 28 2.77 3.33 14.76
N ASN A 29 2.59 2.26 15.53
CA ASN A 29 3.37 1.06 15.20
C ASN A 29 2.87 0.41 13.91
N GLU A 30 1.60 0.63 13.60
CA GLU A 30 1.07 0.20 12.28
C GLU A 30 1.70 0.99 11.17
N PHE A 31 1.86 2.29 11.37
CA PHE A 31 2.58 3.13 10.44
C PHE A 31 4.03 2.66 10.32
N ARG A 32 4.66 2.27 11.43
CA ARG A 32 6.02 1.81 11.37
CA ARG A 32 6.05 1.83 11.32
C ARG A 32 6.16 0.53 10.53
N TYR A 33 5.19 -0.39 10.65
CA TYR A 33 5.18 -1.60 9.82
C TYR A 33 5.06 -1.22 8.35
N PHE A 34 4.08 -0.35 8.01
CA PHE A 34 3.92 0.11 6.65
C PHE A 34 5.22 0.72 6.13
N GLN A 35 5.88 1.57 6.91
CA GLN A 35 7.13 2.20 6.50
C GLN A 35 8.17 1.15 6.24
N ARG A 36 8.32 0.20 7.16
CA ARG A 36 9.40 -0.77 7.00
C ARG A 36 9.19 -1.61 5.76
N MET A 37 7.95 -2.11 5.55
CA MET A 37 7.72 -3.00 4.42
C MET A 37 7.88 -2.27 3.11
N THR A 38 7.35 -1.04 3.02
CA THR A 38 7.43 -0.32 1.76
C THR A 38 8.78 0.27 1.50
N THR A 39 9.64 0.48 2.50
CA THR A 39 10.91 1.16 2.24
C THR A 39 12.04 0.19 2.00
N THR A 40 11.93 -0.99 2.57
CA THR A 40 13.09 -1.88 2.57
C THR A 40 13.30 -2.57 1.23
N SER A 41 14.49 -2.43 0.64
CA SER A 41 14.95 -3.13 -0.53
C SER A 41 16.21 -3.91 -0.17
N SER A 42 16.35 -5.10 -0.73
CA SER A 42 17.55 -5.90 -0.63
C SER A 42 18.68 -5.46 -1.60
N VAL A 43 18.34 -4.63 -2.58
CA VAL A 43 19.31 -4.25 -3.63
C VAL A 43 19.87 -2.87 -3.30
N GLU A 44 21.18 -2.82 -3.10
CA GLU A 44 21.77 -1.55 -2.69
C GLU A 44 21.55 -0.47 -3.71
N GLY A 45 21.26 0.73 -3.24
CA GLY A 45 21.10 1.91 -4.06
C GLY A 45 19.70 2.11 -4.56
C GLY A 45 19.76 2.05 -4.74
N LYS A 46 18.91 1.05 -4.72
N LYS A 46 18.88 1.08 -4.58
CA LYS A 46 17.58 1.29 -5.30
CA LYS A 46 17.52 1.07 -5.10
C LYS A 46 16.59 1.65 -4.21
C LYS A 46 16.60 1.77 -4.11
N GLN A 47 15.50 2.24 -4.67
CA GLN A 47 14.36 2.61 -3.83
C GLN A 47 13.16 1.81 -4.32
N ASN A 48 12.24 1.58 -3.42
CA ASN A 48 10.93 1.07 -3.86
C ASN A 48 10.05 2.19 -4.29
N LEU A 49 9.07 1.89 -5.14
CA LEU A 49 8.08 2.77 -5.66
C LEU A 49 6.77 2.55 -4.91
N VAL A 50 6.17 3.63 -4.41
CA VAL A 50 4.82 3.56 -3.84
C VAL A 50 3.88 4.27 -4.82
N ILE A 51 2.81 3.58 -5.15
CA ILE A 51 1.76 4.08 -6.05
C ILE A 51 0.50 4.31 -5.23
N MET A 52 -0.12 5.46 -5.33
CA MET A 52 -1.28 5.77 -4.56
C MET A 52 -2.22 6.68 -5.35
N GLY A 53 -3.49 6.64 -5.00
CA GLY A 53 -4.46 7.58 -5.54
C GLY A 53 -4.30 8.96 -4.89
N LYS A 54 -4.97 9.93 -5.52
CA LYS A 54 -4.85 11.34 -5.16
C LYS A 54 -5.35 11.61 -3.73
N LYS A 55 -6.47 10.98 -3.35
CA LYS A 55 -7.03 11.18 -2.03
C LYS A 55 -6.11 10.60 -0.96
N THR A 56 -5.51 9.44 -1.26
CA THR A 56 -4.54 8.86 -0.32
C THR A 56 -3.37 9.81 -0.11
N TRP A 57 -2.80 10.37 -1.17
CA TRP A 57 -1.72 11.34 -1.06
C TRP A 57 -2.08 12.47 -0.10
N PHE A 58 -3.24 13.09 -0.36
CA PHE A 58 -3.59 14.26 0.46
C PHE A 58 -4.02 13.88 1.87
N SER A 59 -4.27 12.60 2.14
CA SER A 59 -4.63 12.13 3.47
C SER A 59 -3.39 11.94 4.35
N ILE A 60 -2.20 11.91 3.74
CA ILE A 60 -0.94 11.75 4.50
C ILE A 60 -0.55 13.13 5.00
N PRO A 61 -0.18 13.28 6.27
CA PRO A 61 0.25 14.59 6.78
C PRO A 61 1.37 15.16 5.93
N GLU A 62 1.36 16.48 5.67
CA GLU A 62 2.41 17.10 4.87
C GLU A 62 3.81 16.82 5.41
N LYS A 63 4.01 16.69 6.72
CA LYS A 63 5.32 16.43 7.32
C LYS A 63 5.89 15.09 6.85
N ASN A 64 5.03 14.18 6.43
CA ASN A 64 5.43 12.86 5.94
C ASN A 64 5.36 12.73 4.43
N ARG A 65 5.26 13.86 3.70
CA ARG A 65 5.17 13.80 2.27
C ARG A 65 6.37 14.46 1.58
N PRO A 66 7.00 13.88 0.59
CA PRO A 66 6.73 12.51 0.10
C PRO A 66 7.19 11.51 1.19
N LEU A 67 6.61 10.32 1.10
CA LEU A 67 7.04 9.25 1.98
C LEU A 67 8.53 9.05 1.80
N LYS A 68 9.28 9.19 2.91
CA LYS A 68 10.72 9.25 2.86
C LYS A 68 11.35 7.95 2.38
N GLY A 69 12.37 8.04 1.55
CA GLY A 69 13.09 6.86 1.17
C GLY A 69 12.43 6.01 0.10
N ARG A 70 11.36 6.48 -0.48
CA ARG A 70 10.59 5.79 -1.51
C ARG A 70 10.31 6.78 -2.65
N ILE A 71 10.21 6.27 -3.85
CA ILE A 71 9.73 7.12 -4.97
C ILE A 71 8.20 7.14 -4.92
N ASN A 72 7.60 8.32 -4.90
CA ASN A 72 6.18 8.47 -4.71
C ASN A 72 5.47 8.88 -6.01
N LEU A 73 4.54 8.04 -6.45
CA LEU A 73 3.82 8.20 -7.69
C LEU A 73 2.32 8.30 -7.33
N VAL A 74 1.67 9.36 -7.83
CA VAL A 74 0.25 9.60 -7.59
C VAL A 74 -0.51 9.35 -8.89
N LEU A 75 -1.64 8.63 -8.78
CA LEU A 75 -2.58 8.47 -9.84
C LEU A 75 -3.68 9.52 -9.80
N SER A 76 -3.91 10.16 -10.95
CA SER A 76 -4.99 11.10 -11.12
C SER A 76 -5.26 11.31 -12.60
N ARG A 77 -6.50 11.49 -12.98
CA ARG A 77 -6.86 11.90 -14.32
C ARG A 77 -7.09 13.41 -14.41
N GLU A 78 -7.13 14.10 -13.27
CA GLU A 78 -7.45 15.53 -13.28
C GLU A 78 -6.21 16.41 -13.20
N LEU A 79 -5.22 15.94 -12.44
CA LEU A 79 -4.03 16.77 -12.24
C LEU A 79 -3.19 16.77 -13.51
N LYS A 80 -2.44 17.86 -13.69
CA LYS A 80 -1.58 17.98 -14.86
C LYS A 80 -0.11 17.88 -14.51
N GLU A 81 0.25 17.92 -13.24
CA GLU A 81 1.60 17.56 -12.83
C GLU A 81 1.53 16.97 -11.43
N PRO A 82 2.54 16.31 -10.91
CA PRO A 82 2.45 15.73 -9.58
C PRO A 82 2.13 16.79 -8.53
N PRO A 83 1.38 16.42 -7.51
CA PRO A 83 1.14 17.39 -6.42
C PRO A 83 2.47 17.73 -5.77
N GLN A 84 2.60 18.92 -5.17
CA GLN A 84 3.83 19.39 -4.57
C GLN A 84 4.38 18.29 -3.65
N GLY A 85 5.62 17.89 -3.90
CA GLY A 85 6.36 16.89 -3.18
C GLY A 85 6.41 15.51 -3.78
N ALA A 86 5.46 15.15 -4.62
CA ALA A 86 5.39 13.85 -5.24
C ALA A 86 6.38 13.80 -6.39
N HIS A 87 6.87 12.65 -6.72
CA HIS A 87 7.84 12.52 -7.77
C HIS A 87 7.25 12.34 -9.16
N PHE A 88 6.16 11.60 -9.24
CA PHE A 88 5.56 11.25 -10.54
C PHE A 88 4.05 11.27 -10.46
N LEU A 89 3.41 11.47 -11.59
CA LEU A 89 1.96 11.42 -11.80
C LEU A 89 1.67 10.53 -12.99
N SER A 90 0.73 9.61 -12.85
CA SER A 90 0.24 8.78 -13.95
C SER A 90 -1.29 8.84 -14.00
N ARG A 91 -1.86 8.68 -15.20
CA ARG A 91 -3.31 8.65 -15.33
C ARG A 91 -3.90 7.25 -15.23
N SER A 92 -3.11 6.21 -15.10
CA SER A 92 -3.67 4.88 -14.88
C SER A 92 -2.63 4.01 -14.21
N LEU A 93 -3.07 2.92 -13.63
CA LEU A 93 -2.06 2.02 -13.10
C LEU A 93 -1.20 1.41 -14.21
N ASP A 94 -1.80 1.09 -15.36
CA ASP A 94 -0.95 0.52 -16.41
C ASP A 94 0.12 1.51 -16.84
N ASP A 95 -0.22 2.79 -16.89
CA ASP A 95 0.74 3.82 -17.26
C ASP A 95 1.84 3.95 -16.21
N ALA A 96 1.45 3.85 -14.94
CA ALA A 96 2.46 3.90 -13.87
C ALA A 96 3.40 2.71 -13.99
N LEU A 97 2.86 1.49 -14.22
CA LEU A 97 3.74 0.35 -14.40
C LEU A 97 4.53 0.52 -15.69
N LYS A 98 4.01 1.09 -16.77
CA LYS A 98 4.81 1.32 -17.99
C LYS A 98 6.00 2.19 -17.62
N LEU A 99 5.73 3.23 -16.84
CA LEU A 99 6.83 4.14 -16.47
C LEU A 99 7.95 3.44 -15.73
N THR A 100 7.66 2.46 -14.88
CA THR A 100 8.68 1.75 -14.12
C THR A 100 9.59 0.95 -15.05
N GLU A 101 9.17 0.71 -16.28
CA GLU A 101 9.95 -0.02 -17.27
C GLU A 101 10.76 0.88 -18.18
N GLN A 102 10.54 2.19 -18.06
CA GLN A 102 11.22 3.10 -18.98
C GLN A 102 12.53 3.59 -18.36
N PRO A 103 13.49 4.02 -19.14
CA PRO A 103 14.84 4.33 -18.65
C PRO A 103 14.92 5.32 -17.48
N GLU A 104 14.02 6.28 -17.35
CA GLU A 104 14.12 7.22 -16.25
C GLU A 104 13.92 6.55 -14.90
N LEU A 105 13.24 5.40 -14.81
CA LEU A 105 12.97 4.71 -13.55
C LEU A 105 13.47 3.27 -13.50
N ALA A 106 13.62 2.61 -14.63
CA ALA A 106 13.89 1.17 -14.61
C ALA A 106 15.09 0.77 -13.75
N ASN A 107 16.15 1.57 -13.63
CA ASN A 107 17.34 1.19 -12.85
C ASN A 107 17.27 1.76 -11.43
N LYS A 108 16.30 2.58 -11.14
CA LYS A 108 16.18 3.18 -9.83
C LYS A 108 15.27 2.38 -8.89
N VAL A 109 14.29 1.72 -9.41
CA VAL A 109 13.18 1.13 -8.65
C VAL A 109 13.43 -0.33 -8.43
N ASP A 110 13.20 -0.80 -7.18
CA ASP A 110 13.22 -2.21 -6.89
C ASP A 110 11.76 -2.71 -6.79
N MET A 111 11.18 -2.73 -5.59
CA MET A 111 9.83 -3.23 -5.43
C MET A 111 8.79 -2.18 -5.77
N VAL A 112 7.63 -2.62 -6.23
CA VAL A 112 6.48 -1.77 -6.45
C VAL A 112 5.42 -2.10 -5.41
N TRP A 113 5.01 -1.09 -4.66
CA TRP A 113 3.98 -1.20 -3.60
C TRP A 113 2.80 -0.32 -3.95
N ILE A 114 1.61 -0.92 -3.95
CA ILE A 114 0.33 -0.25 -4.12
C ILE A 114 -0.17 0.03 -2.73
N VAL A 115 -0.39 1.33 -2.40
CA VAL A 115 -0.66 1.73 -1.01
C VAL A 115 -2.02 2.38 -0.82
N GLY A 116 -2.91 2.28 -1.86
CA GLY A 116 -4.29 2.68 -1.76
C GLY A 116 -4.63 3.83 -2.65
N GLY A 117 -5.92 4.17 -2.77
CA GLY A 117 -7.06 3.59 -2.04
C GLY A 117 -7.76 2.54 -2.84
N SER A 118 -9.11 2.48 -2.64
CA SER A 118 -9.91 1.35 -3.06
C SER A 118 -9.74 1.01 -4.55
N SER A 119 -9.90 2.01 -5.41
CA SER A 119 -9.88 1.76 -6.84
C SER A 119 -8.49 1.35 -7.31
N VAL A 120 -7.42 1.76 -6.64
CA VAL A 120 -6.08 1.38 -7.02
C VAL A 120 -5.85 -0.08 -6.62
N TYR A 121 -6.31 -0.48 -5.41
CA TYR A 121 -6.24 -1.88 -5.08
C TYR A 121 -7.00 -2.76 -6.07
N LYS A 122 -8.21 -2.31 -6.47
CA LYS A 122 -9.03 -3.09 -7.37
C LYS A 122 -8.31 -3.28 -8.70
N GLU A 123 -7.71 -2.23 -9.23
CA GLU A 123 -6.95 -2.34 -10.49
C GLU A 123 -5.75 -3.26 -10.34
N ALA A 124 -5.04 -3.14 -9.24
CA ALA A 124 -3.85 -3.93 -9.01
C ALA A 124 -4.20 -5.40 -8.95
N MET A 125 -5.38 -5.72 -8.37
CA MET A 125 -5.79 -7.09 -8.21
C MET A 125 -6.18 -7.71 -9.54
N ASN A 126 -6.25 -6.94 -10.63
CA ASN A 126 -6.43 -7.54 -11.96
C ASN A 126 -5.09 -7.75 -12.67
N HIS A 127 -3.97 -7.50 -11.99
CA HIS A 127 -2.64 -7.70 -12.58
C HIS A 127 -2.42 -9.11 -13.03
N PRO A 128 -1.95 -9.34 -14.24
CA PRO A 128 -1.76 -10.74 -14.62
C PRO A 128 -0.54 -11.38 -13.98
N GLY A 129 0.41 -10.58 -13.54
CA GLY A 129 1.56 -11.26 -12.93
C GLY A 129 1.29 -11.58 -11.46
N HIS A 130 2.39 -11.90 -10.77
CA HIS A 130 2.30 -12.30 -9.36
C HIS A 130 1.93 -11.14 -8.45
N LEU A 131 1.20 -11.44 -7.41
CA LEU A 131 0.71 -10.47 -6.47
C LEU A 131 0.82 -11.00 -5.06
N LYS A 132 1.24 -10.15 -4.14
CA LYS A 132 1.12 -10.36 -2.69
C LYS A 132 0.27 -9.25 -2.12
N LEU A 133 -0.54 -9.63 -1.12
CA LEU A 133 -1.37 -8.67 -0.38
C LEU A 133 -0.90 -8.71 1.10
N PHE A 134 -0.34 -7.60 1.54
CA PHE A 134 0.08 -7.42 2.93
C PHE A 134 -1.07 -6.72 3.63
N VAL A 135 -1.82 -7.47 4.43
CA VAL A 135 -3.07 -7.00 5.00
C VAL A 135 -2.90 -6.93 6.51
N THR A 136 -3.09 -5.76 7.11
CA THR A 136 -3.18 -5.61 8.54
C THR A 136 -4.65 -5.72 8.92
N ARG A 137 -4.97 -6.75 9.69
CA ARG A 137 -6.34 -6.95 10.19
C ARG A 137 -6.52 -6.16 11.48
N ILE A 138 -7.23 -5.07 11.39
CA ILE A 138 -7.63 -4.26 12.56
C ILE A 138 -8.87 -4.95 13.15
N MET A 139 -8.74 -5.54 14.31
CA MET A 139 -9.71 -6.52 14.82
C MET A 139 -10.86 -5.84 15.55
N GLN A 140 -11.52 -4.89 14.89
CA GLN A 140 -12.68 -4.17 15.37
C GLN A 140 -13.43 -3.69 14.14
N ASP A 141 -14.72 -3.47 14.33
CA ASP A 141 -15.51 -2.76 13.30
C ASP A 141 -15.31 -1.26 13.43
N PHE A 142 -15.15 -0.53 12.35
CA PHE A 142 -15.10 0.92 12.36
C PHE A 142 -15.96 1.49 11.22
N GLU A 143 -16.67 2.57 11.55
CA GLU A 143 -17.47 3.20 10.51
C GLU A 143 -16.57 3.70 9.38
N SER A 144 -16.90 3.31 8.17
CA SER A 144 -16.06 3.52 7.01
C SER A 144 -16.92 3.95 5.82
N ASP A 145 -16.27 4.67 4.90
CA ASP A 145 -16.94 5.00 3.62
C ASP A 145 -16.11 4.58 2.39
N THR A 146 -14.99 3.91 2.60
CA THR A 146 -14.13 3.38 1.57
C THR A 146 -13.65 2.02 2.05
N PHE A 147 -13.66 1.05 1.12
CA PHE A 147 -13.48 -0.35 1.47
C PHE A 147 -12.44 -1.07 0.64
N PHE A 148 -11.83 -2.06 1.24
CA PHE A 148 -10.98 -2.99 0.50
C PHE A 148 -11.84 -4.06 -0.15
N PRO A 149 -11.51 -4.49 -1.36
CA PRO A 149 -12.30 -5.54 -2.01
C PRO A 149 -12.08 -6.90 -1.36
N GLU A 150 -12.99 -7.83 -1.69
CA GLU A 150 -12.95 -9.18 -1.19
C GLU A 150 -11.72 -9.90 -1.76
N ILE A 151 -11.12 -10.73 -0.93
CA ILE A 151 -9.99 -11.58 -1.31
C ILE A 151 -10.52 -12.95 -1.66
N ASP A 152 -10.35 -13.36 -2.89
CA ASP A 152 -10.82 -14.65 -3.39
C ASP A 152 -9.91 -15.77 -2.86
N LEU A 153 -10.37 -16.57 -1.92
CA LEU A 153 -9.53 -17.61 -1.32
C LEU A 153 -9.43 -18.85 -2.19
N GLU A 154 -10.03 -18.82 -3.38
CA GLU A 154 -9.72 -19.85 -4.40
C GLU A 154 -8.54 -19.41 -5.29
N LYS A 155 -8.12 -18.15 -5.19
CA LYS A 155 -7.06 -17.52 -6.00
C LYS A 155 -5.83 -17.10 -5.21
N TYR A 156 -6.04 -16.80 -3.94
CA TYR A 156 -4.98 -16.38 -3.02
C TYR A 156 -4.94 -17.40 -1.87
N LYS A 157 -3.80 -17.50 -1.24
CA LYS A 157 -3.63 -18.23 -0.01
C LYS A 157 -3.05 -17.32 1.10
N LEU A 158 -3.55 -17.50 2.31
CA LEU A 158 -3.00 -16.87 3.50
C LEU A 158 -1.73 -17.65 3.87
N LEU A 159 -0.60 -16.98 3.84
CA LEU A 159 0.65 -17.63 4.23
C LEU A 159 0.70 -17.86 5.73
N PRO A 160 1.20 -18.99 6.23
CA PRO A 160 1.26 -19.21 7.68
C PRO A 160 2.15 -18.18 8.37
N GLU A 161 3.19 -17.70 7.70
CA GLU A 161 4.00 -16.61 8.23
C GLU A 161 4.76 -16.08 7.01
N TYR A 162 5.48 -15.01 7.21
CA TYR A 162 6.31 -14.38 6.19
C TYR A 162 7.57 -13.87 6.84
N PRO A 163 8.73 -14.04 6.22
CA PRO A 163 9.97 -13.55 6.90
C PRO A 163 9.90 -12.07 7.22
N GLY A 164 10.30 -11.75 8.46
CA GLY A 164 10.32 -10.34 8.86
C GLY A 164 8.98 -9.81 9.28
N VAL A 165 7.89 -10.58 9.22
CA VAL A 165 6.56 -10.08 9.61
C VAL A 165 6.18 -10.78 10.92
N LEU A 166 5.91 -10.03 11.96
CA LEU A 166 5.46 -10.60 13.23
C LEU A 166 4.11 -11.30 13.08
N SER A 167 3.98 -12.48 13.71
CA SER A 167 2.76 -13.22 13.74
C SER A 167 1.86 -12.85 14.89
N ASP A 168 2.42 -12.31 15.96
CA ASP A 168 1.69 -12.08 17.19
C ASP A 168 0.74 -10.88 17.08
N VAL A 169 -0.32 -10.95 17.85
CA VAL A 169 -1.27 -9.86 17.97
C VAL A 169 -0.59 -8.62 18.56
N GLN A 170 -0.84 -7.50 17.95
CA GLN A 170 -0.39 -6.17 18.33
C GLN A 170 -1.50 -5.41 19.01
N GLU A 171 -1.21 -4.42 19.82
CA GLU A 171 -2.25 -3.56 20.40
C GLU A 171 -1.75 -2.16 20.68
N GLU A 172 -2.52 -1.20 20.21
CA GLU A 172 -2.22 0.21 20.45
C GLU A 172 -3.55 0.91 20.66
N LYS A 173 -3.60 1.81 21.64
CA LYS A 173 -4.79 2.63 21.89
C LYS A 173 -5.99 1.71 22.10
N GLY A 174 -5.79 0.55 22.70
CA GLY A 174 -6.82 -0.43 22.97
C GLY A 174 -7.37 -1.15 21.75
N ILE A 175 -6.70 -1.08 20.63
CA ILE A 175 -7.14 -1.69 19.38
C ILE A 175 -6.14 -2.78 19.03
N LYS A 176 -6.65 -4.01 18.94
CA LYS A 176 -5.85 -5.16 18.57
C LYS A 176 -5.80 -5.28 17.04
N TYR A 177 -4.65 -5.71 16.55
CA TYR A 177 -4.45 -5.92 15.10
C TYR A 177 -3.36 -6.94 14.89
N LYS A 178 -3.31 -7.45 13.67
CA LYS A 178 -2.33 -8.48 13.32
C LYS A 178 -1.97 -8.36 11.84
N PHE A 179 -0.82 -8.86 11.47
CA PHE A 179 -0.27 -8.78 10.14
C PHE A 179 -0.40 -10.10 9.39
N GLU A 180 -1.01 -10.03 8.21
CA GLU A 180 -1.19 -11.18 7.32
C GLU A 180 -0.54 -10.92 5.98
N VAL A 181 -0.15 -11.98 5.33
CA VAL A 181 0.35 -11.92 3.96
C VAL A 181 -0.33 -12.97 3.12
N TYR A 182 -0.96 -12.56 2.03
CA TYR A 182 -1.61 -13.41 1.06
C TYR A 182 -0.79 -13.43 -0.21
N GLU A 183 -0.77 -14.58 -0.87
CA GLU A 183 -0.05 -14.71 -2.10
C GLU A 183 -0.96 -15.29 -3.18
N LYS A 184 -0.91 -14.73 -4.37
CA LYS A 184 -1.68 -15.28 -5.48
C LYS A 184 -1.17 -16.65 -5.81
N ASN A 185 -2.08 -17.56 -6.09
CA ASN A 185 -1.74 -18.90 -6.51
C ASN A 185 -1.00 -18.88 -7.82
N ASP A 186 -0.17 -19.91 -8.04
CA ASP A 186 0.43 -20.18 -9.35
C ASP A 186 -0.65 -20.43 -10.41
S SO4 B . -1.19 18.27 7.65
O1 SO4 B . -2.51 18.94 7.88
O2 SO4 B . -1.05 17.83 6.21
O3 SO4 B . -0.08 19.27 7.92
O4 SO4 B . -0.98 17.11 8.57
S SO4 C . 15.22 10.53 0.82
O1 SO4 C . 13.72 10.39 0.82
O2 SO4 C . 15.74 10.76 -0.55
O3 SO4 C . 15.62 11.52 1.80
O4 SO4 C . 15.59 9.08 1.23
C4A LIH D . -1.44 2.57 4.78
C4 LIH D . -1.33 1.37 3.98
C2 LIH D . -1.03 0.00 5.86
C8A LIH D . -1.58 2.31 6.13
C5 LIH D . -1.52 3.89 4.34
C6 LIH D . -1.84 4.88 5.27
C7 LIH D . -2.10 4.49 6.60
C5A LIH D . -1.12 4.31 2.92
C5' LIH D . -1.07 7.63 6.60
C6' LIH D . 0.25 7.23 6.22
C7' LIH D . 1.37 7.71 6.95
C8' LIH D . 1.32 8.59 7.91
C9 LIH D . -2.12 6.36 4.79
C4' LIH D . -2.40 8.98 8.22
C4X LIH D . -1.11 8.53 7.69
C8X LIH D . 0.10 8.95 8.38
C2' LIH D . -1.29 10.21 9.91
C3' LIH D . -2.49 9.89 9.32
N3 LIH D . -1.10 0.16 4.52
N1 LIH D . -1.32 1.06 6.70
N8 LIH D . -1.91 3.23 7.09
N1' LIH D . -0.05 9.81 9.49
N10 LIH D . -2.19 7.25 6.02
N4 LIH D . -1.43 1.36 2.62
N2 LIH D . -0.73 -1.13 6.38
PA NDP E . -7.84 7.14 -3.67
O1A NDP E . -7.92 5.90 -4.50
O2A NDP E . -6.61 7.37 -2.85
O5B NDP E . -8.01 8.45 -4.54
C5B NDP E . -9.11 8.43 -5.57
C4B NDP E . -8.58 9.46 -6.63
O4B NDP E . -7.36 8.95 -7.18
C3B NDP E . -9.60 9.25 -7.88
O3B NDP E . -10.63 10.23 -7.70
C2B NDP E . -8.67 9.64 -9.03
O2B NDP E . -8.22 11.05 -9.01
C1B NDP E . -7.43 8.85 -8.60
N9A NDP E . -7.41 7.45 -8.97
C8A NDP E . -7.66 6.42 -8.08
N7A NDP E . -7.50 5.25 -8.65
C5A NDP E . -7.08 5.54 -9.95
C6A NDP E . -6.73 4.69 -11.02
N6A NDP E . -6.75 3.36 -10.94
N1A NDP E . -6.40 5.30 -12.20
C2A NDP E . -6.37 6.65 -12.20
N3A NDP E . -6.67 7.57 -11.27
C4A NDP E . -7.01 6.92 -10.15
O3 NDP E . -9.17 7.26 -2.76
PN NDP E . -9.96 6.46 -1.65
O1N NDP E . -10.26 5.12 -2.14
O2N NDP E . -11.01 7.30 -1.14
O5D NDP E . -8.80 6.32 -0.51
C5D NDP E . -8.48 7.39 0.46
C4D NDP E . -9.18 6.95 1.80
O4D NDP E . -8.67 5.72 2.23
C3D NDP E . -8.85 7.97 2.90
O3D NDP E . -9.94 7.90 3.83
C2D NDP E . -7.52 7.38 3.44
O2D NDP E . -7.41 7.82 4.85
C1D NDP E . -7.78 5.88 3.41
N1N NDP E . -6.59 5.12 3.23
C2N NDP E . -6.43 3.99 4.05
C3N NDP E . -5.53 3.01 3.80
C7N NDP E . -5.43 1.85 4.69
O7N NDP E . -4.57 1.00 4.49
N7N NDP E . -6.29 1.75 5.71
C4N NDP E . -4.59 3.02 2.60
C5N NDP E . -4.86 4.29 1.76
C6N NDP E . -5.78 5.19 2.06
P2B NDP E . -8.90 12.05 -10.05
O1X NDP E . -10.26 12.34 -9.54
O2X NDP E . -7.95 13.22 -9.97
O3X NDP E . -8.80 11.36 -11.38
#